data_3U86
#
_entry.id   3U86
#
_cell.length_a   140.647
_cell.length_b   140.647
_cell.length_c   93.106
_cell.angle_alpha   90.000
_cell.angle_beta   90.000
_cell.angle_gamma   90.000
#
_symmetry.space_group_name_H-M   'P 41 21 2'
#
loop_
_entity.id
_entity.type
_entity.pdbx_description
1 polymer Menin
2 polymer 'Transcription factor jun-D'
#
loop_
_entity_poly.entity_id
_entity_poly.type
_entity_poly.pdbx_seq_one_letter_code
_entity_poly.pdbx_strand_id
1 'polypeptide(L)'
;SGLKAAQKTLFPLRSIDDVVRLFAAELGREEPDLVLLSLVLGFVEHFLAVNRVIPTNVPELTFQPSPAPDPPGGLTYFPV
ADLSIIAALYARFTAQIRGAVDLSLYPREGGVSSRELVKKVSDVIWNSLSRSYFKDRAHIQSLFSFITGTKLDSSGVAFA
VVGACQALGLRDVHLALSEDHAWVVFGPNGEQTAEVTWHGKGNEDRRGQTVNAGVAERSWLYLKGSYMRCDRKMEVAFMV
CAINPSIDLHTDSLELLQLQQKLLWLLYDLGHLERYPMALGNLADLEELEPTPGRPDPLTLYHKGIASAKTYYRDEHIYP
YMYLAGYHCRNRNVREALQAWADTATVIQDYNYCREDEEIYKEFFEVANDVIPNLLKEAASLLEAGEERPGEQSQGTQSQ
GSALQDPECFAHLLRFYDGICKWEEGSPTPVLHVGWATFLVQSLGRFEGQVRQKVRIVSGTVAGTARGPEGGSTAQVPAP
TASPPPEGPVLTFQSEKMKGMKELLVATKINSSAIKLQLTAQSQVQMKKQKVSTPSDYTLSFLKRQRKGL
;
A
2 'polypeptide(L)' SPGRLFPGAPPTAKK B
#
# COMPACT_ATOMS: atom_id res chain seq x y z
N GLY A 2 16.29 9.78 27.79
CA GLY A 2 16.30 10.63 26.61
C GLY A 2 16.91 9.98 25.38
N LEU A 3 17.55 10.80 24.55
CA LEU A 3 18.27 10.30 23.38
C LEU A 3 19.66 9.87 23.79
N LYS A 4 20.13 8.78 23.22
CA LYS A 4 21.52 8.37 23.43
C LYS A 4 22.39 9.40 22.72
N ALA A 5 23.64 9.53 23.16
CA ALA A 5 24.55 10.54 22.61
C ALA A 5 24.92 10.24 21.15
N ALA A 6 24.84 8.97 20.78
CA ALA A 6 25.17 8.54 19.43
C ALA A 6 24.11 9.03 18.44
N GLN A 7 22.89 9.25 18.95
CA GLN A 7 21.82 9.80 18.13
C GLN A 7 21.98 11.32 18.03
N LYS A 8 22.27 11.95 19.16
CA LYS A 8 22.32 13.41 19.26
C LYS A 8 23.37 14.06 18.37
N THR A 9 24.48 13.37 18.17
CA THR A 9 25.59 13.98 17.46
C THR A 9 25.31 14.18 15.96
N LEU A 10 24.30 13.48 15.44
CA LEU A 10 23.91 13.60 14.02
C LEU A 10 23.12 14.88 13.71
N PHE A 11 22.67 15.55 14.75
CA PHE A 11 21.97 16.81 14.63
C PHE A 11 22.95 17.98 14.50
N PRO A 12 22.48 19.13 14.02
CA PRO A 12 21.15 19.21 13.42
C PRO A 12 21.21 18.86 11.91
N LEU A 13 20.03 18.58 11.36
CA LEU A 13 19.89 18.23 9.96
C LEU A 13 19.56 19.49 9.16
N ARG A 14 20.33 19.75 8.11
CA ARG A 14 20.17 20.98 7.36
C ARG A 14 19.84 20.68 5.91
N SER A 15 19.82 19.40 5.56
CA SER A 15 19.52 19.02 4.18
C SER A 15 18.88 17.64 4.16
N ILE A 16 18.55 17.16 2.97
CA ILE A 16 18.05 15.81 2.80
C ILE A 16 19.13 14.79 3.15
N ASP A 17 20.34 15.03 2.67
CA ASP A 17 21.46 14.12 2.93
C ASP A 17 21.73 13.96 4.41
N ASP A 18 21.60 15.06 5.16
CA ASP A 18 21.72 15.00 6.60
C ASP A 18 20.71 14.02 7.21
N VAL A 19 19.52 13.96 6.62
CA VAL A 19 18.45 13.10 7.14
C VAL A 19 18.72 11.65 6.84
N VAL A 20 19.20 11.39 5.63
CA VAL A 20 19.57 10.06 5.21
C VAL A 20 20.63 9.48 6.16
N ARG A 21 21.58 10.31 6.58
CA ARG A 21 22.61 9.88 7.52
C ARG A 21 22.01 9.40 8.83
N LEU A 22 21.08 10.18 9.37
CA LEU A 22 20.44 9.80 10.63
C LEU A 22 19.75 8.44 10.49
N PHE A 23 19.27 8.15 9.27
CA PHE A 23 18.51 6.93 9.03
C PHE A 23 19.41 5.71 8.82
N ALA A 24 20.53 5.92 8.14
CA ALA A 24 21.55 4.90 8.04
C ALA A 24 22.07 4.58 9.44
N ALA A 25 22.52 5.61 10.15
CA ALA A 25 22.99 5.41 11.52
C ALA A 25 22.01 4.60 12.37
N GLU A 26 20.74 4.98 12.35
CA GLU A 26 19.75 4.34 13.21
C GLU A 26 19.41 2.89 12.80
N LEU A 27 19.59 2.60 11.52
CA LEU A 27 19.24 1.30 10.93
C LEU A 27 20.30 0.26 11.24
N GLY A 28 21.47 0.74 11.66
CA GLY A 28 22.59 -0.08 12.08
C GLY A 28 22.52 -0.46 13.56
N ARG A 29 21.61 0.16 14.30
CA ARG A 29 21.37 -0.24 15.69
C ARG A 29 20.53 -1.52 15.83
N GLU A 30 20.53 -2.10 17.03
CA GLU A 30 19.75 -3.30 17.34
C GLU A 30 18.26 -2.96 17.47
N GLU A 31 18.00 -1.77 18.01
CA GLU A 31 16.66 -1.24 18.24
C GLU A 31 16.60 0.15 17.64
N PRO A 32 16.31 0.23 16.33
CA PRO A 32 16.04 1.50 15.64
C PRO A 32 14.97 2.30 16.39
N ASP A 33 15.17 3.61 16.55
CA ASP A 33 14.25 4.42 17.34
C ASP A 33 13.10 4.91 16.45
N LEU A 34 11.99 4.19 16.47
CA LEU A 34 10.84 4.51 15.63
C LEU A 34 10.32 5.90 15.96
N VAL A 35 10.30 6.23 17.25
CA VAL A 35 9.81 7.53 17.70
C VAL A 35 10.68 8.66 17.19
N LEU A 36 11.99 8.54 17.39
CA LEU A 36 12.90 9.56 16.89
C LEU A 36 12.71 9.79 15.40
N LEU A 37 12.63 8.70 14.64
CA LEU A 37 12.62 8.78 13.18
C LEU A 37 11.34 9.35 12.62
N SER A 38 10.21 8.93 13.18
CA SER A 38 8.93 9.50 12.79
C SER A 38 8.88 11.00 13.08
N LEU A 39 9.34 11.42 14.26
CA LEU A 39 9.31 12.83 14.62
C LEU A 39 10.08 13.69 13.65
N VAL A 40 11.20 13.17 13.15
CA VAL A 40 12.01 13.90 12.18
C VAL A 40 11.27 13.99 10.86
N LEU A 41 10.64 12.88 10.48
CA LEU A 41 9.88 12.82 9.24
C LEU A 41 8.67 13.76 9.28
N GLY A 42 7.89 13.67 10.36
CA GLY A 42 6.75 14.54 10.55
C GLY A 42 7.11 16.01 10.61
N PHE A 43 8.30 16.31 11.12
CA PHE A 43 8.77 17.69 11.25
C PHE A 43 9.11 18.26 9.88
N VAL A 44 9.69 17.45 9.03
CA VAL A 44 10.22 17.90 7.76
C VAL A 44 9.10 17.94 6.71
N GLU A 45 8.16 17.01 6.86
CA GLU A 45 6.96 16.97 6.04
C GLU A 45 6.12 18.19 6.38
N HIS A 46 6.07 18.53 7.67
CA HIS A 46 5.26 19.66 8.10
C HIS A 46 5.60 20.94 7.36
N PHE A 47 6.87 21.33 7.39
CA PHE A 47 7.28 22.59 6.76
C PHE A 47 7.53 22.51 5.25
N LEU A 48 7.36 21.34 4.66
CA LEU A 48 7.61 21.18 3.22
C LEU A 48 6.32 20.87 2.49
N ALA A 49 5.33 20.36 3.21
CA ALA A 49 4.04 20.06 2.59
C ALA A 49 2.89 20.84 3.22
N VAL A 50 2.91 20.96 4.55
CA VAL A 50 1.78 21.56 5.24
C VAL A 50 1.83 23.09 5.40
N ASN A 51 2.92 23.60 5.96
CA ASN A 51 3.09 25.04 6.05
C ASN A 51 4.39 25.53 5.39
N ARG A 52 4.38 25.61 4.06
CA ARG A 52 5.55 26.07 3.31
C ARG A 52 5.90 27.55 3.51
N VAL A 53 5.12 28.25 4.33
CA VAL A 53 5.38 29.66 4.59
C VAL A 53 6.34 29.75 5.74
N ILE A 54 7.43 30.49 5.56
CA ILE A 54 8.43 30.50 6.62
C ILE A 54 8.17 31.57 7.68
N PRO A 55 8.07 31.10 8.93
CA PRO A 55 7.82 31.92 10.12
C PRO A 55 8.88 33.01 10.27
N THR A 56 8.54 34.12 10.94
CA THR A 56 9.42 35.28 11.00
C THR A 56 9.73 35.78 12.41
N ASN A 57 9.04 35.23 13.40
CA ASN A 57 9.24 35.65 14.78
C ASN A 57 9.66 34.48 15.68
N VAL A 58 10.16 33.41 15.06
CA VAL A 58 10.71 32.29 15.84
C VAL A 58 12.25 32.25 15.77
N PRO A 59 12.93 32.81 16.78
CA PRO A 59 14.40 32.73 16.79
C PRO A 59 14.90 31.28 16.91
N GLU A 60 14.02 30.30 17.11
CA GLU A 60 14.52 28.92 17.25
C GLU A 60 14.59 28.15 15.93
N LEU A 61 13.61 28.39 15.08
CA LEU A 61 13.51 27.66 13.83
C LEU A 61 14.14 28.41 12.65
N THR A 62 15.06 27.72 11.96
CA THR A 62 15.80 28.29 10.83
C THR A 62 15.71 27.43 9.58
N PHE A 63 16.12 28.00 8.45
CA PHE A 63 16.04 27.30 7.18
C PHE A 63 17.36 27.37 6.46
N GLN A 64 17.68 26.30 5.73
CA GLN A 64 18.96 26.17 5.09
C GLN A 64 18.84 26.39 3.58
N PRO A 65 19.43 27.49 3.09
CA PRO A 65 19.53 27.81 1.66
C PRO A 65 20.37 26.77 0.93
N SER A 66 19.99 26.41 -0.28
CA SER A 66 20.77 25.47 -1.08
C SER A 66 20.49 25.62 -2.58
N PRO A 67 21.49 25.33 -3.40
CA PRO A 67 21.42 25.45 -4.87
C PRO A 67 20.21 24.74 -5.46
N ALA A 68 19.48 25.45 -6.32
CA ALA A 68 18.28 24.92 -6.94
C ALA A 68 18.56 23.65 -7.72
N PRO A 69 17.61 22.71 -7.68
CA PRO A 69 17.72 21.39 -8.30
C PRO A 69 18.01 21.43 -9.81
N ASP A 70 17.13 22.06 -10.58
CA ASP A 70 17.28 22.16 -12.03
C ASP A 70 17.35 23.65 -12.48
N PRO A 71 17.24 23.91 -13.79
CA PRO A 71 17.23 25.32 -14.25
C PRO A 71 16.26 26.25 -13.49
N PRO A 72 14.99 25.82 -13.31
CA PRO A 72 14.00 26.64 -12.62
C PRO A 72 14.48 27.18 -11.27
N GLY A 73 14.38 28.49 -11.08
CA GLY A 73 14.89 29.16 -9.89
C GLY A 73 16.39 29.29 -9.86
N GLY A 74 16.95 29.41 -8.66
CA GLY A 74 16.15 29.44 -7.44
C GLY A 74 16.97 29.02 -6.24
N LEU A 75 16.49 29.40 -5.05
CA LEU A 75 17.04 28.88 -3.80
C LEU A 75 16.01 28.03 -3.09
N THR A 76 16.36 26.78 -2.86
CA THR A 76 15.50 25.93 -2.07
C THR A 76 15.92 26.03 -0.59
N TYR A 77 14.93 26.26 0.28
CA TYR A 77 15.15 26.34 1.71
C TYR A 77 14.72 25.06 2.40
N PHE A 78 15.52 24.61 3.35
CA PHE A 78 15.24 23.37 4.06
C PHE A 78 15.00 23.64 5.53
N PRO A 79 13.97 23.03 6.11
CA PRO A 79 13.72 23.25 7.53
C PRO A 79 14.79 22.56 8.38
N VAL A 80 15.63 23.35 9.02
CA VAL A 80 16.67 22.78 9.87
C VAL A 80 16.04 22.24 11.15
N ALA A 81 16.30 20.97 11.42
CA ALA A 81 15.77 20.33 12.61
C ALA A 81 16.76 20.42 13.76
N ASP A 82 16.62 21.47 14.57
CA ASP A 82 17.44 21.63 15.77
C ASP A 82 17.33 20.40 16.64
N LEU A 83 18.37 20.15 17.41
CA LEU A 83 18.32 19.11 18.43
C LEU A 83 17.31 19.42 19.56
N SER A 84 17.17 20.69 19.92
CA SER A 84 16.34 21.06 21.06
C SER A 84 14.86 20.91 20.73
N ILE A 85 14.51 21.29 19.51
CA ILE A 85 13.16 21.06 19.00
C ILE A 85 12.83 19.56 19.01
N ILE A 86 13.67 18.76 18.37
CA ILE A 86 13.41 17.33 18.28
C ILE A 86 13.45 16.63 19.64
N ALA A 87 14.33 17.10 20.52
CA ALA A 87 14.48 16.48 21.82
C ALA A 87 13.26 16.77 22.69
N ALA A 88 12.68 17.94 22.50
CA ALA A 88 11.51 18.36 23.26
C ALA A 88 10.28 17.55 22.85
N LEU A 89 10.15 17.29 21.55
CA LEU A 89 9.08 16.44 21.05
C LEU A 89 9.27 14.99 21.48
N TYR A 90 10.49 14.48 21.34
CA TYR A 90 10.80 13.14 21.81
C TYR A 90 10.44 13.02 23.28
N ALA A 91 10.73 14.07 24.03
CA ALA A 91 10.57 14.06 25.48
C ALA A 91 9.11 14.06 25.87
N ARG A 92 8.33 14.89 25.18
CA ARG A 92 6.91 15.01 25.51
C ARG A 92 6.18 13.70 25.24
N PHE A 93 6.51 13.05 24.13
CA PHE A 93 5.90 11.77 23.79
C PHE A 93 6.25 10.71 24.83
N THR A 94 7.54 10.59 25.13
CA THR A 94 8.03 9.67 26.13
C THR A 94 7.35 9.87 27.50
N ALA A 95 7.22 11.13 27.90
CA ALA A 95 6.50 11.48 29.11
C ALA A 95 5.06 10.98 29.10
N GLN A 96 4.30 11.41 28.09
CA GLN A 96 2.90 10.99 27.94
C GLN A 96 2.67 9.52 28.26
N ILE A 97 3.51 8.65 27.69
CA ILE A 97 3.30 7.21 27.81
C ILE A 97 3.67 6.67 29.19
N ARG A 98 4.93 6.83 29.57
CA ARG A 98 5.41 6.41 30.87
C ARG A 98 4.55 6.98 31.99
N GLY A 99 4.01 8.17 31.76
CA GLY A 99 3.09 8.78 32.71
C GLY A 99 1.83 7.95 32.85
N ALA A 100 1.15 7.75 31.74
CA ALA A 100 -0.14 7.05 31.71
C ALA A 100 -0.10 5.56 32.08
N VAL A 101 1.03 4.89 31.91
CA VAL A 101 1.08 3.46 32.27
C VAL A 101 2.13 3.10 33.34
N ASP A 102 1.73 2.19 34.22
CA ASP A 102 2.59 1.76 35.32
C ASP A 102 3.05 0.32 35.09
N LEU A 103 4.27 0.16 34.58
CA LEU A 103 4.79 -1.16 34.28
C LEU A 103 4.85 -2.09 35.49
N SER A 104 4.49 -1.58 36.66
CA SER A 104 4.50 -2.38 37.88
C SER A 104 3.26 -3.27 37.96
N LEU A 105 2.15 -2.77 37.45
CA LEU A 105 0.89 -3.50 37.44
C LEU A 105 0.96 -4.65 36.43
N TYR A 106 2.00 -4.66 35.62
CA TYR A 106 2.17 -5.70 34.61
C TYR A 106 3.55 -6.34 34.69
N PRO A 107 3.61 -7.62 35.10
CA PRO A 107 4.86 -8.38 35.08
C PRO A 107 5.15 -8.99 33.71
N ARG A 108 6.20 -8.50 33.06
CA ARG A 108 6.67 -9.09 31.81
C ARG A 108 7.22 -10.50 32.03
N GLU A 109 6.46 -11.49 31.60
CA GLU A 109 6.84 -12.90 31.74
C GLU A 109 7.96 -13.29 30.78
N GLY A 110 9.20 -12.99 31.16
CA GLY A 110 10.37 -13.40 30.40
C GLY A 110 10.41 -12.84 28.99
N GLY A 111 10.22 -11.52 28.89
CA GLY A 111 10.21 -10.83 27.62
C GLY A 111 8.88 -10.98 26.91
N VAL A 112 7.82 -11.21 27.69
CA VAL A 112 6.48 -11.39 27.14
C VAL A 112 5.55 -10.33 27.68
N SER A 113 4.97 -9.55 26.77
CA SER A 113 4.04 -8.50 27.15
C SER A 113 2.65 -9.08 27.24
N SER A 114 1.99 -8.85 28.37
CA SER A 114 0.64 -9.37 28.57
C SER A 114 -0.31 -8.78 27.55
N ARG A 115 -1.47 -9.40 27.39
CA ARG A 115 -2.46 -8.84 26.49
C ARG A 115 -3.16 -7.64 27.13
N GLU A 116 -3.27 -7.65 28.45
CA GLU A 116 -3.90 -6.52 29.15
C GLU A 116 -3.01 -5.28 29.04
N LEU A 117 -1.70 -5.51 28.97
CA LEU A 117 -0.72 -4.46 28.80
C LEU A 117 -0.84 -3.84 27.41
N VAL A 118 -1.00 -4.69 26.41
CA VAL A 118 -1.14 -4.23 25.03
C VAL A 118 -2.41 -3.42 24.82
N LYS A 119 -3.53 -3.87 25.38
CA LYS A 119 -4.76 -3.08 25.33
C LYS A 119 -4.56 -1.73 25.99
N LYS A 120 -3.87 -1.73 27.12
CA LYS A 120 -3.61 -0.50 27.87
C LYS A 120 -2.90 0.54 27.00
N VAL A 121 -1.74 0.18 26.45
CA VAL A 121 -1.02 1.06 25.54
C VAL A 121 -1.91 1.50 24.38
N SER A 122 -2.76 0.60 23.91
CA SER A 122 -3.69 0.91 22.86
C SER A 122 -4.60 2.07 23.31
N ASP A 123 -5.25 1.91 24.45
CA ASP A 123 -6.15 2.93 25.00
C ASP A 123 -5.45 4.27 25.18
N VAL A 124 -4.25 4.24 25.75
CA VAL A 124 -3.51 5.48 25.97
C VAL A 124 -3.42 6.30 24.69
N ILE A 125 -3.05 5.65 23.60
CA ILE A 125 -3.04 6.34 22.32
C ILE A 125 -4.45 6.75 21.90
N TRP A 126 -5.37 5.79 21.91
CA TRP A 126 -6.75 6.01 21.53
C TRP A 126 -7.39 7.20 22.25
N ASN A 127 -7.21 7.26 23.57
CA ASN A 127 -7.87 8.29 24.36
C ASN A 127 -7.16 9.62 24.28
N SER A 128 -5.99 9.62 23.66
CA SER A 128 -5.21 10.83 23.50
C SER A 128 -5.51 11.63 22.24
N LEU A 129 -6.39 11.15 21.37
CA LEU A 129 -6.58 11.88 20.12
C LEU A 129 -7.89 12.64 19.88
N SER A 130 -7.70 13.80 19.27
CA SER A 130 -8.77 14.74 18.99
C SER A 130 -10.05 14.02 18.57
N ARG A 131 -11.18 14.50 19.06
CA ARG A 131 -12.46 13.92 18.67
C ARG A 131 -12.86 14.58 17.33
N SER A 132 -12.28 15.77 17.08
CA SER A 132 -12.78 16.67 16.02
C SER A 132 -11.92 16.74 14.72
N TYR A 133 -11.92 15.66 13.94
CA TYR A 133 -11.23 15.75 12.63
C TYR A 133 -11.61 14.72 11.59
N PHE A 134 -11.46 15.12 10.33
CA PHE A 134 -11.62 14.24 9.19
C PHE A 134 -10.40 13.33 9.10
N LYS A 135 -10.64 12.02 9.16
CA LYS A 135 -9.56 11.04 9.20
C LYS A 135 -8.99 10.67 7.84
N ASP A 136 -9.46 11.37 6.82
CA ASP A 136 -9.19 10.96 5.45
C ASP A 136 -8.23 11.92 4.77
N ARG A 137 -7.48 12.73 5.54
CA ARG A 137 -6.51 13.60 4.89
C ARG A 137 -5.00 13.36 5.03
N ALA A 138 -4.23 14.17 4.32
CA ALA A 138 -2.79 13.99 4.27
C ALA A 138 -2.04 14.62 5.45
N HIS A 139 -0.91 14.02 5.80
CA HIS A 139 0.03 14.60 6.75
C HIS A 139 -0.40 14.45 8.21
N ILE A 140 -1.13 13.37 8.50
CA ILE A 140 -1.45 12.99 9.86
C ILE A 140 -1.06 11.56 10.19
N GLN A 141 0.06 11.12 9.62
CA GLN A 141 0.56 9.77 9.86
C GLN A 141 1.68 9.66 10.91
N SER A 142 2.57 10.66 10.94
CA SER A 142 3.72 10.65 11.83
C SER A 142 3.38 10.90 13.30
N LEU A 143 4.34 10.62 14.20
CA LEU A 143 4.17 10.92 15.62
C LEU A 143 4.25 12.41 15.83
N PHE A 144 4.90 13.10 14.90
CA PHE A 144 4.89 14.55 14.91
C PHE A 144 3.45 15.04 14.89
N SER A 145 2.63 14.39 14.08
CA SER A 145 1.22 14.76 14.00
C SER A 145 0.49 14.47 15.31
N PHE A 146 0.79 13.32 15.89
CA PHE A 146 0.15 12.88 17.13
C PHE A 146 0.46 13.83 18.28
N ILE A 147 1.72 14.27 18.37
CA ILE A 147 2.20 15.08 19.48
C ILE A 147 1.83 16.55 19.33
N THR A 148 1.77 16.99 18.08
CA THR A 148 1.52 18.40 17.79
C THR A 148 0.03 18.73 17.73
N GLY A 149 -0.69 18.09 16.81
CA GLY A 149 -2.09 18.38 16.61
C GLY A 149 -3.05 17.35 17.18
N THR A 150 -2.51 16.20 17.56
CA THR A 150 -3.34 15.15 18.16
C THR A 150 -4.22 14.43 17.12
N LYS A 151 -3.80 14.49 15.86
CA LYS A 151 -4.51 13.82 14.79
C LYS A 151 -3.69 12.69 14.17
N LEU A 152 -4.34 11.56 13.95
CA LEU A 152 -3.66 10.41 13.39
C LEU A 152 -4.64 9.68 12.47
N ASP A 153 -4.18 9.34 11.27
CA ASP A 153 -5.02 8.53 10.39
C ASP A 153 -4.94 7.04 10.73
N SER A 154 -5.91 6.31 10.19
CA SER A 154 -6.12 4.90 10.52
C SER A 154 -4.86 4.09 10.81
N SER A 155 -3.94 4.04 9.85
CA SER A 155 -2.72 3.24 9.99
C SER A 155 -1.76 3.85 10.97
N GLY A 156 -1.73 5.19 11.01
CA GLY A 156 -0.87 5.94 11.91
C GLY A 156 -1.09 5.63 13.38
N VAL A 157 -2.31 5.23 13.76
CA VAL A 157 -2.61 4.88 15.14
C VAL A 157 -1.87 3.62 15.56
N ALA A 158 -1.84 2.64 14.66
CA ALA A 158 -1.20 1.37 14.93
C ALA A 158 0.31 1.55 14.96
N PHE A 159 0.82 2.49 14.17
CA PHE A 159 2.24 2.79 14.23
C PHE A 159 2.56 3.49 15.55
N ALA A 160 1.71 4.44 15.92
CA ALA A 160 1.81 5.11 17.22
C ALA A 160 1.82 4.10 18.37
N VAL A 161 0.92 3.12 18.34
CA VAL A 161 0.90 2.10 19.40
C VAL A 161 2.19 1.28 19.47
N VAL A 162 2.85 1.07 18.34
CA VAL A 162 4.09 0.31 18.33
C VAL A 162 5.27 1.17 18.82
N GLY A 163 5.33 2.40 18.36
CA GLY A 163 6.34 3.33 18.83
C GLY A 163 6.25 3.54 20.32
N ALA A 164 5.01 3.57 20.83
CA ALA A 164 4.77 3.74 22.26
C ALA A 164 5.25 2.53 23.06
N CYS A 165 5.11 1.34 22.49
CA CYS A 165 5.62 0.15 23.17
C CYS A 165 7.13 0.15 23.22
N GLN A 166 7.75 0.64 22.15
CA GLN A 166 9.20 0.76 22.14
C GLN A 166 9.66 1.79 23.17
N ALA A 167 8.85 2.82 23.39
CA ALA A 167 9.16 3.86 24.38
C ALA A 167 9.14 3.31 25.79
N LEU A 168 8.40 2.22 25.98
CA LEU A 168 8.30 1.56 27.27
C LEU A 168 9.26 0.37 27.38
N GLY A 169 10.11 0.20 26.37
CA GLY A 169 11.08 -0.87 26.38
C GLY A 169 10.53 -2.23 26.01
N LEU A 170 9.23 -2.30 25.73
CA LEU A 170 8.64 -3.54 25.20
C LEU A 170 9.27 -3.77 23.82
N ARG A 171 9.61 -5.01 23.51
CA ARG A 171 10.33 -5.24 22.26
C ARG A 171 9.76 -6.42 21.47
N ASP A 172 8.62 -6.94 21.94
CA ASP A 172 7.97 -8.05 21.27
C ASP A 172 6.72 -7.60 20.52
N VAL A 173 6.30 -6.35 20.75
CA VAL A 173 5.12 -5.79 20.10
C VAL A 173 5.47 -5.19 18.74
N HIS A 174 5.00 -5.83 17.67
CA HIS A 174 5.35 -5.38 16.33
C HIS A 174 4.13 -5.02 15.47
N LEU A 175 4.42 -4.34 14.37
CA LEU A 175 3.38 -3.89 13.45
C LEU A 175 2.97 -4.98 12.45
N ALA A 176 1.71 -5.40 12.52
CA ALA A 176 1.15 -6.29 11.51
C ALA A 176 0.56 -5.42 10.42
N LEU A 177 0.68 -5.87 9.18
CA LEU A 177 0.45 -4.99 8.04
C LEU A 177 -0.18 -5.82 6.92
N SER A 178 -1.43 -5.55 6.57
CA SER A 178 -2.03 -6.16 5.39
C SER A 178 -1.89 -5.06 4.32
N GLU A 179 -2.70 -5.12 3.27
CA GLU A 179 -2.64 -4.12 2.20
C GLU A 179 -3.51 -2.88 2.38
N ASP A 180 -4.44 -2.95 3.32
CA ASP A 180 -5.32 -1.81 3.55
C ASP A 180 -5.72 -1.67 5.02
N HIS A 181 -4.97 -2.32 5.89
CA HIS A 181 -5.26 -2.29 7.31
C HIS A 181 -3.99 -2.52 8.11
N ALA A 182 -3.99 -2.13 9.38
CA ALA A 182 -2.82 -2.37 10.22
C ALA A 182 -3.24 -2.72 11.65
N TRP A 183 -2.41 -3.51 12.32
CA TRP A 183 -2.73 -3.88 13.69
C TRP A 183 -1.45 -4.28 14.40
N VAL A 184 -1.56 -5.07 15.45
CA VAL A 184 -0.39 -5.39 16.28
C VAL A 184 -0.20 -6.88 16.49
N VAL A 185 1.05 -7.31 16.41
CA VAL A 185 1.37 -8.69 16.75
C VAL A 185 2.34 -8.77 17.92
N PHE A 186 2.12 -9.77 18.77
CA PHE A 186 2.93 -9.92 19.96
C PHE A 186 2.86 -11.32 20.55
N GLY A 187 3.53 -11.50 21.68
CA GLY A 187 3.60 -12.78 22.37
C GLY A 187 4.97 -13.37 22.20
N PRO A 188 5.14 -14.62 22.65
CA PRO A 188 6.37 -15.37 22.32
C PRO A 188 6.22 -15.91 20.91
N ASN A 189 7.26 -15.76 20.10
CA ASN A 189 7.20 -16.14 18.68
C ASN A 189 6.11 -15.42 17.86
N GLY A 190 5.44 -14.45 18.47
CA GLY A 190 4.62 -13.48 17.76
C GLY A 190 3.40 -13.99 17.03
N GLU A 191 2.56 -14.75 17.72
CA GLU A 191 1.36 -15.29 17.09
C GLU A 191 0.12 -14.80 17.81
N GLN A 192 0.30 -13.80 18.65
CA GLN A 192 -0.81 -13.11 19.28
C GLN A 192 -1.12 -11.84 18.49
N THR A 193 -2.39 -11.52 18.32
CA THR A 193 -2.75 -10.31 17.57
C THR A 193 -3.81 -9.49 18.27
N ALA A 194 -3.90 -8.21 17.91
CA ALA A 194 -4.95 -7.33 18.43
C ALA A 194 -5.22 -6.14 17.51
N GLU A 195 -6.49 -5.92 17.22
CA GLU A 195 -6.91 -4.69 16.55
C GLU A 195 -6.65 -3.51 17.47
N VAL A 196 -6.18 -2.41 16.90
CA VAL A 196 -5.87 -1.22 17.69
C VAL A 196 -6.31 0.03 16.94
N THR A 197 -7.10 -0.14 15.90
CA THR A 197 -7.56 1.01 15.13
C THR A 197 -8.80 0.72 14.30
N TRP A 198 -9.43 1.78 13.82
CA TRP A 198 -10.66 1.63 13.06
C TRP A 198 -10.25 1.33 11.62
N HIS A 199 -11.21 1.12 10.75
CA HIS A 199 -10.91 0.91 9.34
C HIS A 199 -12.08 1.33 8.47
N GLY A 200 -11.78 1.93 7.32
CA GLY A 200 -12.83 2.38 6.41
C GLY A 200 -13.49 3.70 6.77
N LYS A 201 -14.51 4.07 6.01
CA LYS A 201 -15.25 5.32 6.22
C LYS A 201 -15.96 5.45 7.56
N GLY A 202 -16.80 4.46 7.87
CA GLY A 202 -17.46 4.41 9.16
C GLY A 202 -16.49 3.89 10.19
N ASN A 203 -16.26 4.62 11.29
CA ASN A 203 -15.41 4.08 12.37
C ASN A 203 -16.07 2.94 13.17
N GLU A 204 -15.96 1.74 12.65
CA GLU A 204 -16.13 0.54 13.44
C GLU A 204 -14.81 0.16 14.12
N ASP A 205 -14.72 0.52 15.40
CA ASP A 205 -13.63 0.09 16.27
C ASP A 205 -13.68 -1.42 16.44
N ARG A 206 -12.67 -2.10 15.91
CA ARG A 206 -12.62 -3.52 16.06
C ARG A 206 -11.57 -3.86 17.11
N ARG A 207 -11.09 -2.83 17.81
CA ARG A 207 -9.97 -3.01 18.71
C ARG A 207 -10.32 -3.90 19.90
N GLY A 208 -9.30 -4.47 20.53
CA GLY A 208 -9.48 -5.44 21.59
C GLY A 208 -9.68 -6.86 21.07
N GLN A 209 -10.20 -6.93 19.84
CA GLN A 209 -10.49 -8.20 19.20
C GLN A 209 -9.25 -8.84 18.60
N THR A 210 -9.32 -10.16 18.45
CA THR A 210 -8.32 -10.90 17.72
C THR A 210 -8.59 -10.68 16.23
N VAL A 211 -7.72 -11.20 15.39
CA VAL A 211 -7.82 -10.99 13.96
C VAL A 211 -8.34 -12.25 13.25
N ASN A 212 -8.39 -13.35 14.01
CA ASN A 212 -8.79 -14.66 13.49
C ASN A 212 -10.05 -14.67 12.64
N ALA A 213 -11.00 -13.80 12.96
CA ALA A 213 -12.27 -13.78 12.26
C ALA A 213 -12.12 -13.35 10.80
N GLY A 214 -11.29 -12.35 10.58
CA GLY A 214 -11.08 -11.80 9.25
C GLY A 214 -10.24 -12.72 8.39
N VAL A 215 -9.26 -13.38 9.01
CA VAL A 215 -8.49 -14.39 8.32
C VAL A 215 -9.43 -15.50 7.84
N ALA A 216 -10.36 -15.91 8.71
CA ALA A 216 -11.28 -17.00 8.44
C ALA A 216 -12.27 -16.69 7.33
N GLU A 217 -12.78 -15.46 7.29
CA GLU A 217 -13.80 -15.10 6.29
C GLU A 217 -13.20 -14.95 4.90
N ARG A 218 -11.88 -15.12 4.81
CA ARG A 218 -11.18 -15.07 3.53
C ARG A 218 -11.34 -13.70 2.90
N SER A 219 -11.39 -12.65 3.71
CA SER A 219 -11.48 -11.31 3.17
C SER A 219 -10.10 -10.77 2.85
N TRP A 220 -10.03 -9.92 1.84
CA TRP A 220 -8.77 -9.38 1.36
C TRP A 220 -8.08 -8.49 2.37
N LEU A 221 -8.82 -8.07 3.39
CA LEU A 221 -8.27 -7.17 4.39
C LEU A 221 -7.21 -7.84 5.23
N TYR A 222 -7.44 -9.09 5.58
CA TYR A 222 -6.50 -9.84 6.41
C TYR A 222 -5.64 -10.81 5.59
N LEU A 223 -5.85 -10.82 4.28
CA LEU A 223 -5.01 -11.59 3.36
C LEU A 223 -4.88 -13.06 3.73
N LYS A 224 -5.99 -13.72 4.06
CA LYS A 224 -5.94 -15.15 4.37
C LYS A 224 -4.79 -15.51 5.31
N GLY A 225 -4.49 -14.65 6.27
CA GLY A 225 -3.42 -14.94 7.21
C GLY A 225 -2.02 -14.78 6.62
N SER A 226 -1.94 -14.12 5.47
CA SER A 226 -0.67 -13.99 4.76
C SER A 226 -0.13 -12.55 4.80
N TYR A 227 -0.52 -11.81 5.82
CA TYR A 227 -0.12 -10.41 5.99
C TYR A 227 1.31 -10.31 6.50
N MET A 228 1.90 -9.12 6.43
CA MET A 228 3.27 -8.93 6.89
C MET A 228 3.33 -8.78 8.41
N ARG A 229 4.23 -9.53 9.03
CA ARG A 229 4.56 -9.29 10.41
C ARG A 229 5.90 -8.57 10.39
N CYS A 230 5.90 -7.32 10.84
CA CYS A 230 7.08 -6.47 10.75
C CYS A 230 8.10 -6.75 11.83
N ASP A 231 9.37 -6.54 11.49
CA ASP A 231 10.39 -6.37 12.50
C ASP A 231 10.73 -4.88 12.55
N ARG A 232 11.55 -4.47 13.53
CA ARG A 232 11.91 -3.07 13.66
C ARG A 232 12.35 -2.42 12.35
N LYS A 233 13.09 -3.15 11.53
CA LYS A 233 13.61 -2.60 10.28
C LYS A 233 12.53 -2.37 9.23
N MET A 234 11.51 -3.23 9.23
CA MET A 234 10.42 -3.08 8.29
C MET A 234 9.51 -1.94 8.71
N GLU A 235 9.46 -1.67 10.02
CA GLU A 235 8.64 -0.60 10.55
C GLU A 235 9.23 0.75 10.16
N VAL A 236 10.52 0.77 9.90
CA VAL A 236 11.18 1.96 9.40
C VAL A 236 10.85 2.15 7.93
N ALA A 237 10.79 1.04 7.19
CA ALA A 237 10.42 1.08 5.78
C ALA A 237 9.00 1.63 5.63
N PHE A 238 8.10 1.16 6.49
CA PHE A 238 6.72 1.64 6.51
C PHE A 238 6.67 3.16 6.59
N MET A 239 7.19 3.73 7.68
CA MET A 239 7.39 5.17 7.84
C MET A 239 7.82 5.88 6.57
N VAL A 240 8.84 5.34 5.90
CA VAL A 240 9.35 5.95 4.69
C VAL A 240 8.31 5.91 3.58
N CYS A 241 7.48 4.87 3.56
CA CYS A 241 6.38 4.78 2.61
C CYS A 241 5.26 5.74 2.98
N ALA A 242 5.08 5.94 4.28
CA ALA A 242 4.01 6.76 4.80
C ALA A 242 4.31 8.22 4.53
N ILE A 243 5.54 8.52 4.17
CA ILE A 243 5.87 9.89 3.78
C ILE A 243 4.95 10.33 2.66
N ASN A 244 4.33 11.49 2.80
CA ASN A 244 3.41 11.99 1.79
C ASN A 244 3.91 13.28 1.15
N PRO A 245 4.50 13.20 -0.05
CA PRO A 245 5.12 14.38 -0.68
C PRO A 245 4.11 15.40 -1.20
N SER A 246 2.83 15.10 -1.02
CA SER A 246 1.81 15.89 -1.72
C SER A 246 1.36 17.17 -1.00
N ILE A 247 1.56 18.29 -1.69
CA ILE A 247 1.26 19.61 -1.16
C ILE A 247 -0.18 19.96 -1.48
N ASP A 248 -0.51 19.77 -2.75
CA ASP A 248 -1.83 20.04 -3.27
C ASP A 248 -2.31 18.78 -3.94
N LEU A 249 -3.51 18.84 -4.49
CA LEU A 249 -4.03 17.76 -5.30
C LEU A 249 -3.20 17.55 -6.57
N HIS A 250 -2.52 18.59 -7.04
CA HIS A 250 -1.83 18.49 -8.33
C HIS A 250 -0.33 18.75 -8.20
N THR A 251 0.08 19.11 -7.00
CA THR A 251 1.43 19.60 -6.73
C THR A 251 2.08 18.67 -5.73
N ASP A 252 3.39 18.43 -5.87
CA ASP A 252 4.17 17.58 -4.95
C ASP A 252 5.48 18.26 -4.53
N SER A 253 5.93 18.01 -3.31
CA SER A 253 7.22 18.55 -2.82
C SER A 253 8.42 17.78 -3.36
N LEU A 254 9.24 18.48 -4.14
CA LEU A 254 10.41 17.87 -4.76
C LEU A 254 11.42 17.31 -3.75
N GLU A 255 11.59 17.98 -2.61
CA GLU A 255 12.51 17.46 -1.60
C GLU A 255 11.93 16.25 -0.86
N LEU A 256 10.61 16.25 -0.63
CA LEU A 256 9.96 15.10 0.01
C LEU A 256 9.96 13.87 -0.87
N LEU A 257 10.11 14.06 -2.18
CA LEU A 257 10.16 12.96 -3.14
C LEU A 257 11.56 12.37 -3.18
N GLN A 258 12.54 13.26 -3.25
CA GLN A 258 13.94 12.87 -3.14
C GLN A 258 14.22 12.15 -1.82
N LEU A 259 13.75 12.74 -0.73
CA LEU A 259 13.95 12.13 0.59
C LEU A 259 13.42 10.71 0.67
N GLN A 260 12.18 10.49 0.21
CA GLN A 260 11.56 9.18 0.26
C GLN A 260 12.29 8.22 -0.68
N GLN A 261 12.75 8.76 -1.80
CA GLN A 261 13.49 7.99 -2.78
C GLN A 261 14.82 7.50 -2.21
N LYS A 262 15.63 8.43 -1.72
CA LYS A 262 16.91 8.09 -1.13
C LYS A 262 16.75 7.12 0.04
N LEU A 263 15.75 7.36 0.86
CA LEU A 263 15.54 6.53 2.05
C LEU A 263 15.14 5.12 1.64
N LEU A 264 14.48 5.01 0.50
CA LEU A 264 14.05 3.70 0.03
C LEU A 264 15.24 2.93 -0.55
N TRP A 265 16.10 3.64 -1.30
CA TRP A 265 17.33 3.04 -1.78
C TRP A 265 18.19 2.56 -0.61
N LEU A 266 18.37 3.44 0.37
CA LEU A 266 19.07 3.07 1.60
C LEU A 266 18.58 1.71 2.09
N LEU A 267 17.26 1.59 2.22
CA LEU A 267 16.64 0.37 2.73
C LEU A 267 16.88 -0.80 1.79
N TYR A 268 16.68 -0.57 0.50
CA TYR A 268 16.90 -1.60 -0.52
C TYR A 268 18.26 -2.25 -0.34
N ASP A 269 19.31 -1.42 -0.35
CA ASP A 269 20.67 -1.90 -0.20
C ASP A 269 20.92 -2.76 1.05
N LEU A 270 20.39 -2.35 2.20
CA LEU A 270 20.56 -3.13 3.41
C LEU A 270 19.65 -4.36 3.44
N GLY A 271 19.04 -4.69 2.31
CA GLY A 271 18.20 -5.86 2.17
C GLY A 271 16.90 -5.83 2.95
N HIS A 272 16.43 -4.63 3.27
CA HIS A 272 15.27 -4.47 4.15
C HIS A 272 13.92 -4.42 3.43
N LEU A 273 13.97 -4.13 2.13
CA LEU A 273 12.80 -4.13 1.26
C LEU A 273 12.52 -5.54 0.75
N GLU A 274 13.44 -6.43 1.05
CA GLU A 274 13.37 -7.84 0.65
C GLU A 274 11.95 -8.40 0.75
N ARG A 275 11.31 -8.18 1.89
CA ARG A 275 10.03 -8.83 2.16
C ARG A 275 8.86 -7.87 2.12
N TYR A 276 9.05 -6.77 1.41
CA TYR A 276 8.09 -5.69 1.43
C TYR A 276 7.71 -5.28 0.01
N PRO A 277 6.85 -6.08 -0.62
CA PRO A 277 6.41 -5.87 -2.00
C PRO A 277 5.95 -4.42 -2.27
N MET A 278 5.16 -3.85 -1.36
CA MET A 278 4.62 -2.50 -1.59
C MET A 278 5.70 -1.41 -1.60
N ALA A 279 6.68 -1.53 -0.72
CA ALA A 279 7.80 -0.60 -0.70
C ALA A 279 8.56 -0.65 -2.02
N LEU A 280 8.68 -1.84 -2.58
CA LEU A 280 9.38 -2.04 -3.84
C LEU A 280 8.67 -1.31 -4.98
N GLY A 281 7.38 -1.57 -5.14
CA GLY A 281 6.56 -0.83 -6.08
C GLY A 281 6.50 0.67 -5.86
N ASN A 282 6.35 1.09 -4.60
CA ASN A 282 6.45 2.51 -4.26
C ASN A 282 7.72 3.08 -4.87
N LEU A 283 8.85 2.44 -4.57
CA LEU A 283 10.15 2.84 -5.09
C LEU A 283 10.19 2.84 -6.62
N ALA A 284 9.54 1.84 -7.23
CA ALA A 284 9.49 1.77 -8.68
C ALA A 284 8.79 2.99 -9.29
N ASP A 285 7.61 3.33 -8.77
CA ASP A 285 6.89 4.54 -9.18
C ASP A 285 7.76 5.79 -9.06
N LEU A 286 8.51 5.89 -7.97
CA LEU A 286 9.38 7.03 -7.73
C LEU A 286 10.47 7.14 -8.78
N GLU A 287 10.98 5.98 -9.20
CA GLU A 287 12.05 5.95 -10.19
C GLU A 287 11.56 6.38 -11.57
N GLU A 288 10.33 6.01 -11.91
CA GLU A 288 9.76 6.41 -13.18
C GLU A 288 9.71 7.93 -13.36
N LEU A 289 9.46 8.65 -12.25
CA LEU A 289 9.38 10.11 -12.28
C LEU A 289 10.74 10.80 -12.44
N GLU A 290 11.69 10.41 -11.59
CA GLU A 290 13.03 10.99 -11.61
C GLU A 290 14.05 9.90 -11.37
N PRO A 291 14.40 9.17 -12.43
CA PRO A 291 15.35 8.06 -12.32
C PRO A 291 16.70 8.54 -11.82
N THR A 292 17.24 7.87 -10.81
CA THR A 292 18.62 8.14 -10.43
C THR A 292 19.52 7.26 -11.29
N PRO A 293 20.56 7.88 -11.88
CA PRO A 293 21.50 7.21 -12.78
C PRO A 293 22.32 6.14 -12.06
N GLY A 294 22.38 4.96 -12.66
CA GLY A 294 23.15 3.87 -12.09
C GLY A 294 22.27 2.78 -11.51
N ARG A 295 21.00 3.11 -11.30
CA ARG A 295 20.09 2.19 -10.63
C ARG A 295 19.20 1.45 -11.62
N PRO A 296 18.65 0.31 -11.17
CA PRO A 296 17.74 -0.57 -11.93
C PRO A 296 16.51 0.14 -12.48
N ASP A 297 15.79 -0.53 -13.37
CA ASP A 297 14.59 0.03 -13.96
C ASP A 297 13.36 -0.18 -13.10
N PRO A 298 12.38 0.73 -13.21
CA PRO A 298 11.08 0.52 -12.60
C PRO A 298 10.59 -0.90 -12.87
N LEU A 299 10.57 -1.27 -14.15
CA LEU A 299 10.06 -2.57 -14.56
C LEU A 299 10.76 -3.71 -13.82
N THR A 300 12.09 -3.62 -13.68
CA THR A 300 12.82 -4.55 -12.84
C THR A 300 12.22 -4.59 -11.44
N LEU A 301 12.07 -3.41 -10.84
CA LEU A 301 11.58 -3.30 -9.46
C LEU A 301 10.16 -3.86 -9.27
N TYR A 302 9.24 -3.57 -10.19
CA TYR A 302 7.90 -4.11 -10.07
C TYR A 302 7.95 -5.62 -9.97
N HIS A 303 8.85 -6.23 -10.75
CA HIS A 303 9.00 -7.67 -10.74
C HIS A 303 9.65 -8.21 -9.46
N LYS A 304 10.57 -7.44 -8.87
CA LYS A 304 11.10 -7.81 -7.56
C LYS A 304 9.96 -7.86 -6.55
N GLY A 305 9.11 -6.82 -6.59
CA GLY A 305 7.93 -6.75 -5.75
C GLY A 305 7.08 -7.98 -5.91
N ILE A 306 6.84 -8.36 -7.17
CA ILE A 306 6.01 -9.53 -7.47
C ILE A 306 6.70 -10.80 -7.03
N ALA A 307 8.02 -10.84 -7.21
CA ALA A 307 8.84 -11.96 -6.74
C ALA A 307 8.69 -12.11 -5.23
N SER A 308 8.86 -10.99 -4.54
CA SER A 308 8.73 -10.95 -3.09
C SER A 308 7.37 -11.47 -2.62
N ALA A 309 6.31 -11.09 -3.33
CA ALA A 309 4.99 -11.55 -2.94
C ALA A 309 4.87 -13.07 -3.07
N LYS A 310 5.44 -13.61 -4.15
CA LYS A 310 5.39 -15.04 -4.42
C LYS A 310 6.19 -15.84 -3.41
N THR A 311 7.44 -15.44 -3.22
CA THR A 311 8.30 -16.07 -2.22
C THR A 311 7.65 -16.04 -0.83
N TYR A 312 7.47 -14.83 -0.29
CA TYR A 312 7.23 -14.66 1.14
C TYR A 312 5.78 -14.66 1.59
N TYR A 313 4.86 -14.45 0.67
CA TYR A 313 3.47 -14.32 1.06
C TYR A 313 2.50 -15.14 0.20
N ARG A 314 3.00 -16.26 -0.31
CA ARG A 314 2.18 -17.21 -1.05
C ARG A 314 1.50 -16.59 -2.26
N ASP A 315 2.16 -15.62 -2.87
CA ASP A 315 1.59 -14.93 -4.03
C ASP A 315 0.13 -14.57 -3.76
N GLU A 316 -0.11 -13.98 -2.59
CA GLU A 316 -1.47 -13.74 -2.13
C GLU A 316 -1.76 -12.25 -2.08
N HIS A 317 -0.82 -11.45 -2.55
CA HIS A 317 -0.99 -10.00 -2.59
C HIS A 317 -1.42 -9.52 -3.96
N ILE A 318 -1.93 -8.30 -3.99
CA ILE A 318 -2.63 -7.79 -5.16
C ILE A 318 -1.98 -6.52 -5.71
N TYR A 319 -1.55 -5.65 -4.82
CA TYR A 319 -0.91 -4.40 -5.25
C TYR A 319 0.31 -4.56 -6.16
N PRO A 320 1.15 -5.61 -5.96
CA PRO A 320 2.37 -5.69 -6.80
C PRO A 320 2.05 -5.78 -8.28
N TYR A 321 0.88 -6.32 -8.61
CA TYR A 321 0.41 -6.40 -9.99
C TYR A 321 -0.20 -5.08 -10.45
N MET A 322 -1.06 -4.49 -9.61
CA MET A 322 -1.65 -3.18 -9.89
C MET A 322 -0.56 -2.14 -10.08
N TYR A 323 0.54 -2.29 -9.35
CA TYR A 323 1.69 -1.44 -9.53
C TYR A 323 2.18 -1.58 -10.96
N LEU A 324 2.34 -2.83 -11.38
CA LEU A 324 2.83 -3.16 -12.71
C LEU A 324 1.81 -2.71 -13.75
N ALA A 325 0.58 -3.17 -13.62
CA ALA A 325 -0.50 -2.81 -14.55
C ALA A 325 -0.54 -1.31 -14.77
N GLY A 326 -0.56 -0.56 -13.66
CA GLY A 326 -0.55 0.89 -13.70
C GLY A 326 0.57 1.42 -14.56
N TYR A 327 1.77 0.85 -14.40
CA TYR A 327 2.92 1.29 -15.18
C TYR A 327 2.66 1.19 -16.67
N HIS A 328 2.30 -0.01 -17.11
CA HIS A 328 2.01 -0.26 -18.52
C HIS A 328 0.86 0.60 -18.99
N CYS A 329 -0.21 0.65 -18.20
CA CYS A 329 -1.35 1.46 -18.55
C CYS A 329 -0.92 2.90 -18.81
N ARG A 330 0.13 3.37 -18.12
CA ARG A 330 0.61 4.74 -18.31
C ARG A 330 1.43 4.89 -19.59
N ASN A 331 2.35 3.97 -19.82
CA ASN A 331 3.17 4.01 -21.03
C ASN A 331 2.44 3.41 -22.22
N ARG A 332 1.12 3.36 -22.12
CA ARG A 332 0.28 2.78 -23.16
C ARG A 332 0.83 1.45 -23.69
N ASN A 333 1.02 0.49 -22.79
CA ASN A 333 1.38 -0.87 -23.16
C ASN A 333 0.18 -1.78 -22.90
N VAL A 334 -0.71 -1.82 -23.89
CA VAL A 334 -1.99 -2.51 -23.81
C VAL A 334 -1.94 -3.96 -23.34
N ARG A 335 -1.05 -4.75 -23.93
CA ARG A 335 -1.02 -6.18 -23.67
C ARG A 335 -0.55 -6.45 -22.25
N GLU A 336 0.54 -5.81 -21.88
CA GLU A 336 1.14 -6.00 -20.56
C GLU A 336 0.22 -5.49 -19.46
N ALA A 337 -0.60 -4.50 -19.80
CA ALA A 337 -1.59 -4.00 -18.87
C ALA A 337 -2.62 -5.09 -18.59
N LEU A 338 -3.27 -5.56 -19.65
CA LEU A 338 -4.27 -6.61 -19.59
C LEU A 338 -3.76 -7.92 -18.94
N GLN A 339 -2.50 -8.26 -19.21
CA GLN A 339 -1.92 -9.43 -18.58
C GLN A 339 -1.86 -9.24 -17.07
N ALA A 340 -1.20 -8.15 -16.65
CA ALA A 340 -1.02 -7.82 -15.25
C ALA A 340 -2.34 -7.70 -14.50
N TRP A 341 -3.36 -7.19 -15.17
CA TRP A 341 -4.69 -7.13 -14.56
C TRP A 341 -5.28 -8.52 -14.44
N ALA A 342 -4.98 -9.38 -15.41
CA ALA A 342 -5.43 -10.76 -15.39
C ALA A 342 -4.79 -11.50 -14.22
N ASP A 343 -3.49 -11.28 -14.03
CA ASP A 343 -2.76 -11.84 -12.89
C ASP A 343 -3.38 -11.38 -11.57
N THR A 344 -3.77 -10.12 -11.51
CA THR A 344 -4.42 -9.57 -10.33
C THR A 344 -5.68 -10.36 -9.99
N ALA A 345 -6.57 -10.50 -10.97
CA ALA A 345 -7.79 -11.26 -10.77
C ALA A 345 -7.49 -12.71 -10.37
N THR A 346 -6.45 -13.28 -10.96
CA THR A 346 -6.04 -14.63 -10.59
C THR A 346 -5.77 -14.75 -9.07
N VAL A 347 -5.15 -13.73 -8.47
CA VAL A 347 -4.95 -13.71 -7.03
C VAL A 347 -6.25 -13.54 -6.24
N ILE A 348 -7.14 -12.66 -6.72
CA ILE A 348 -8.38 -12.39 -6.02
C ILE A 348 -9.38 -13.55 -6.01
N GLN A 349 -9.25 -14.47 -6.96
CA GLN A 349 -10.31 -15.47 -7.18
C GLN A 349 -10.49 -16.37 -5.97
N ASP A 350 -9.43 -16.47 -5.16
CA ASP A 350 -9.46 -17.34 -3.99
C ASP A 350 -9.89 -16.63 -2.70
N TYR A 351 -10.40 -15.41 -2.87
CA TYR A 351 -10.94 -14.63 -1.76
C TYR A 351 -12.45 -14.55 -1.84
N ASN A 352 -13.07 -14.28 -0.70
CA ASN A 352 -14.47 -13.88 -0.72
C ASN A 352 -14.57 -12.36 -0.58
N TYR A 353 -15.58 -11.80 -1.22
CA TYR A 353 -15.86 -10.38 -1.12
C TYR A 353 -16.68 -10.07 0.12
N CYS A 354 -16.34 -8.99 0.80
CA CYS A 354 -17.21 -8.51 1.88
C CYS A 354 -17.14 -7.01 2.13
N ARG A 355 -18.01 -6.55 3.03
CA ARG A 355 -18.22 -5.13 3.26
C ARG A 355 -16.91 -4.35 3.27
N GLU A 356 -15.93 -4.80 4.05
CA GLU A 356 -14.72 -4.01 4.28
C GLU A 356 -13.63 -4.13 3.21
N ASP A 357 -13.91 -4.89 2.16
CA ASP A 357 -12.99 -5.01 1.03
C ASP A 357 -13.23 -3.94 -0.03
N GLU A 358 -13.94 -2.89 0.38
CA GLU A 358 -14.34 -1.79 -0.49
C GLU A 358 -13.21 -1.20 -1.32
N GLU A 359 -12.01 -1.11 -0.75
CA GLU A 359 -10.94 -0.40 -1.42
C GLU A 359 -10.54 -1.09 -2.71
N ILE A 360 -10.61 -2.41 -2.70
CA ILE A 360 -10.16 -3.22 -3.82
C ILE A 360 -11.30 -3.44 -4.83
N TYR A 361 -12.52 -3.62 -4.32
CA TYR A 361 -13.70 -3.67 -5.18
C TYR A 361 -13.72 -2.47 -6.11
N LYS A 362 -13.55 -1.28 -5.54
CA LYS A 362 -13.52 -0.06 -6.32
C LYS A 362 -12.44 -0.10 -7.39
N GLU A 363 -11.32 -0.76 -7.10
CA GLU A 363 -10.22 -0.80 -8.05
C GLU A 363 -10.52 -1.69 -9.25
N PHE A 364 -11.16 -2.82 -9.01
CA PHE A 364 -11.54 -3.71 -10.09
C PHE A 364 -12.65 -3.09 -10.91
N PHE A 365 -13.49 -2.32 -10.23
CA PHE A 365 -14.59 -1.63 -10.87
C PHE A 365 -14.10 -0.54 -11.83
N GLU A 366 -13.11 0.25 -11.40
CA GLU A 366 -12.56 1.28 -12.26
C GLU A 366 -11.79 0.68 -13.43
N VAL A 367 -11.05 -0.40 -13.16
CA VAL A 367 -10.32 -1.11 -14.22
C VAL A 367 -11.30 -1.70 -15.23
N ALA A 368 -12.25 -2.48 -14.74
CA ALA A 368 -13.21 -3.15 -15.60
C ALA A 368 -14.13 -2.19 -16.38
N ASN A 369 -14.77 -1.26 -15.67
CA ASN A 369 -15.79 -0.37 -16.22
C ASN A 369 -15.25 0.90 -16.88
N ASP A 370 -14.18 1.47 -16.35
CA ASP A 370 -13.54 2.62 -16.95
C ASP A 370 -12.19 2.60 -17.65
N VAL A 371 -11.24 1.89 -17.08
CA VAL A 371 -9.86 2.02 -17.53
C VAL A 371 -9.57 1.12 -18.73
N ILE A 372 -10.14 -0.08 -18.72
CA ILE A 372 -10.01 -0.97 -19.85
C ILE A 372 -10.82 -0.46 -21.07
N PRO A 373 -12.10 -0.12 -20.85
CA PRO A 373 -12.87 0.47 -21.96
C PRO A 373 -12.23 1.71 -22.59
N ASN A 374 -11.80 2.67 -21.78
CA ASN A 374 -11.17 3.87 -22.33
C ASN A 374 -9.88 3.53 -23.06
N LEU A 375 -9.30 2.38 -22.74
CA LEU A 375 -8.01 1.97 -23.27
C LEU A 375 -8.18 1.19 -24.57
N LEU A 376 -9.25 0.41 -24.65
CA LEU A 376 -9.61 -0.28 -25.89
C LEU A 376 -10.04 0.74 -26.92
N LYS A 377 -11.07 1.52 -26.58
CA LYS A 377 -11.55 2.60 -27.44
C LYS A 377 -10.42 3.40 -28.08
N GLU A 378 -9.35 3.60 -27.32
CA GLU A 378 -8.20 4.35 -27.81
C GLU A 378 -7.51 3.62 -28.95
N ALA A 379 -7.33 2.32 -28.80
CA ALA A 379 -6.64 1.50 -29.81
C ALA A 379 -7.54 1.16 -31.00
N ALA A 380 -8.83 1.13 -30.76
CA ALA A 380 -9.86 1.11 -31.81
C ALA A 380 -9.64 2.28 -32.78
N SER A 381 -8.78 3.22 -32.42
CA SER A 381 -8.64 4.40 -33.27
C SER A 381 -7.25 4.53 -33.88
N LEU A 382 -6.36 3.61 -33.52
CA LEU A 382 -5.03 3.62 -34.13
C LEU A 382 -4.97 2.72 -35.36
N LEU A 383 -5.63 1.57 -35.26
CA LEU A 383 -5.67 0.61 -36.36
C LEU A 383 -6.70 1.06 -37.41
N GLU A 384 -7.56 2.00 -37.04
CA GLU A 384 -8.50 2.60 -37.99
C GLU A 384 -7.81 3.65 -38.86
N ALA A 385 -6.65 4.12 -38.43
CA ALA A 385 -5.83 4.93 -39.31
C ALA A 385 -4.58 4.18 -39.73
N SER A 402 -0.96 -3.94 -33.95
CA SER A 402 -2.08 -3.54 -33.10
C SER A 402 -2.46 -4.64 -32.13
N ALA A 403 -3.18 -4.27 -31.07
CA ALA A 403 -3.52 -5.20 -30.01
C ALA A 403 -4.96 -5.67 -30.08
N LEU A 404 -5.82 -4.86 -30.69
CA LEU A 404 -7.20 -5.26 -30.89
C LEU A 404 -7.27 -6.46 -31.84
N GLN A 405 -6.11 -6.83 -32.39
CA GLN A 405 -5.99 -7.95 -33.31
C GLN A 405 -5.07 -9.02 -32.73
N ASP A 406 -5.10 -9.16 -31.40
CA ASP A 406 -4.29 -10.15 -30.71
C ASP A 406 -5.15 -10.94 -29.73
N PRO A 407 -5.28 -12.26 -29.97
CA PRO A 407 -6.13 -13.12 -29.13
C PRO A 407 -5.59 -13.23 -27.70
N GLU A 408 -4.28 -13.08 -27.53
CA GLU A 408 -3.69 -13.06 -26.19
C GLU A 408 -4.31 -11.96 -25.31
N CYS A 409 -4.56 -10.78 -25.90
CA CYS A 409 -5.18 -9.70 -25.15
C CYS A 409 -6.64 -10.00 -24.85
N PHE A 410 -7.35 -10.58 -25.82
CA PHE A 410 -8.73 -10.96 -25.59
C PHE A 410 -8.83 -12.09 -24.56
N ALA A 411 -7.76 -12.85 -24.42
CA ALA A 411 -7.73 -13.98 -23.49
C ALA A 411 -7.34 -13.47 -22.11
N HIS A 412 -6.36 -12.58 -22.08
CA HIS A 412 -6.02 -11.85 -20.88
C HIS A 412 -7.28 -11.28 -20.26
N LEU A 413 -8.18 -10.79 -21.11
CA LEU A 413 -9.39 -10.12 -20.66
C LEU A 413 -10.40 -11.06 -20.01
N LEU A 414 -10.52 -12.28 -20.52
CA LEU A 414 -11.51 -13.23 -20.01
C LEU A 414 -11.04 -13.82 -18.68
N ARG A 415 -9.75 -14.10 -18.63
CA ARG A 415 -9.04 -14.49 -17.42
C ARG A 415 -9.30 -13.46 -16.31
N PHE A 416 -9.45 -12.21 -16.72
CA PHE A 416 -9.75 -11.13 -15.80
C PHE A 416 -11.17 -11.30 -15.25
N TYR A 417 -12.16 -11.38 -16.13
CA TYR A 417 -13.54 -11.55 -15.69
C TYR A 417 -13.76 -12.91 -15.02
N ASP A 418 -12.85 -13.85 -15.30
CA ASP A 418 -12.87 -15.18 -14.68
C ASP A 418 -12.53 -15.05 -13.18
N GLY A 419 -11.35 -14.49 -12.89
CA GLY A 419 -10.99 -14.21 -11.51
C GLY A 419 -12.05 -13.45 -10.72
N ILE A 420 -12.69 -12.47 -11.36
CA ILE A 420 -13.73 -11.73 -10.66
C ILE A 420 -14.99 -12.55 -10.39
N CYS A 421 -15.36 -13.41 -11.34
CA CYS A 421 -16.49 -14.30 -11.12
C CYS A 421 -16.20 -15.29 -9.99
N LYS A 422 -14.98 -15.81 -9.97
CA LYS A 422 -14.53 -16.73 -8.92
C LYS A 422 -14.44 -16.04 -7.56
N TRP A 423 -14.14 -14.73 -7.57
CA TRP A 423 -14.19 -13.93 -6.36
C TRP A 423 -15.58 -14.03 -5.77
N GLU A 424 -16.56 -13.63 -6.57
CA GLU A 424 -17.96 -13.57 -6.17
C GLU A 424 -18.49 -14.86 -5.54
N GLU A 425 -17.87 -15.98 -5.89
CA GLU A 425 -18.32 -17.29 -5.41
C GLU A 425 -18.09 -17.50 -3.91
N GLY A 426 -19.16 -17.91 -3.23
CA GLY A 426 -19.13 -18.13 -1.79
C GLY A 426 -19.11 -16.86 -0.96
N SER A 427 -19.35 -15.72 -1.61
CA SER A 427 -19.31 -14.43 -0.93
C SER A 427 -20.70 -14.01 -0.49
N PRO A 428 -20.79 -13.38 0.69
CA PRO A 428 -22.04 -12.84 1.24
C PRO A 428 -22.75 -11.90 0.28
N THR A 429 -22.05 -10.85 -0.14
CA THR A 429 -22.58 -9.85 -1.06
C THR A 429 -22.24 -10.21 -2.51
N PRO A 430 -23.17 -9.95 -3.43
CA PRO A 430 -22.87 -10.14 -4.86
C PRO A 430 -21.83 -9.13 -5.36
N VAL A 431 -20.89 -9.60 -6.17
CA VAL A 431 -19.89 -8.72 -6.78
C VAL A 431 -20.42 -8.10 -8.06
N LEU A 432 -21.02 -8.93 -8.91
CA LEU A 432 -21.50 -8.48 -10.21
C LEU A 432 -22.93 -7.96 -10.18
N HIS A 433 -23.23 -7.08 -11.12
CA HIS A 433 -24.57 -6.57 -11.34
C HIS A 433 -24.61 -6.02 -12.76
N VAL A 434 -25.79 -5.59 -13.19
CA VAL A 434 -25.96 -5.22 -14.60
C VAL A 434 -24.97 -4.17 -15.11
N GLY A 435 -24.47 -3.32 -14.21
CA GLY A 435 -23.50 -2.29 -14.55
C GLY A 435 -22.16 -2.82 -15.07
N TRP A 436 -21.74 -3.98 -14.57
CA TRP A 436 -20.51 -4.62 -15.07
C TRP A 436 -20.75 -5.20 -16.44
N ALA A 437 -21.98 -5.63 -16.69
CA ALA A 437 -22.28 -6.37 -17.91
C ALA A 437 -22.14 -5.49 -19.15
N THR A 438 -22.67 -4.26 -19.07
CA THR A 438 -22.64 -3.37 -20.22
C THR A 438 -21.24 -3.18 -20.79
N PHE A 439 -20.23 -3.17 -19.92
CA PHE A 439 -18.88 -2.89 -20.37
C PHE A 439 -18.12 -4.15 -20.75
N LEU A 440 -18.56 -5.29 -20.22
CA LEU A 440 -18.05 -6.56 -20.70
C LEU A 440 -18.49 -6.69 -22.15
N VAL A 441 -19.79 -6.46 -22.38
CA VAL A 441 -20.36 -6.55 -23.72
C VAL A 441 -19.63 -5.63 -24.68
N GLN A 442 -19.36 -4.40 -24.22
CA GLN A 442 -18.71 -3.39 -25.05
C GLN A 442 -17.23 -3.66 -25.28
N SER A 443 -16.58 -4.34 -24.34
CA SER A 443 -15.17 -4.66 -24.49
C SER A 443 -14.97 -5.80 -25.47
N LEU A 444 -15.76 -6.86 -25.32
CA LEU A 444 -15.75 -7.97 -26.27
C LEU A 444 -15.99 -7.41 -27.67
N GLY A 445 -17.08 -6.67 -27.82
CA GLY A 445 -17.46 -6.08 -29.09
C GLY A 445 -16.33 -5.30 -29.74
N ARG A 446 -15.32 -4.94 -28.96
CA ARG A 446 -14.20 -4.17 -29.47
C ARG A 446 -13.26 -5.08 -30.26
N PHE A 447 -13.42 -6.39 -30.05
CA PHE A 447 -12.62 -7.38 -30.74
C PHE A 447 -13.38 -8.01 -31.90
N GLU A 448 -12.65 -8.36 -32.96
CA GLU A 448 -13.25 -9.01 -34.12
C GLU A 448 -13.59 -10.47 -33.80
N GLY A 449 -14.71 -10.94 -34.33
CA GLY A 449 -15.05 -12.35 -34.24
C GLY A 449 -13.90 -13.22 -34.72
N GLN A 450 -13.26 -12.78 -35.80
CA GLN A 450 -12.02 -13.37 -36.27
C GLN A 450 -11.05 -13.63 -35.13
N VAL A 451 -10.88 -12.62 -34.28
CA VAL A 451 -9.87 -12.66 -33.23
C VAL A 451 -10.38 -13.43 -32.01
N ARG A 452 -11.62 -13.18 -31.64
CA ARG A 452 -12.21 -13.87 -30.49
C ARG A 452 -12.24 -15.38 -30.65
N GLN A 453 -12.19 -15.84 -31.90
CA GLN A 453 -12.36 -17.26 -32.19
C GLN A 453 -11.06 -18.05 -32.22
N LYS A 454 -9.94 -17.35 -32.37
CA LYS A 454 -8.63 -18.00 -32.33
C LYS A 454 -8.24 -18.42 -30.91
N VAL A 455 -9.12 -18.10 -29.95
CA VAL A 455 -8.94 -18.50 -28.56
C VAL A 455 -9.80 -19.71 -28.24
N ARG A 456 -9.17 -20.78 -27.77
CA ARG A 456 -9.90 -21.99 -27.40
C ARG A 456 -9.99 -22.19 -25.90
N ILE A 457 -11.22 -22.23 -25.40
CA ILE A 457 -11.50 -22.45 -23.98
C ILE A 457 -11.67 -23.95 -23.71
N VAL A 458 -10.54 -24.60 -23.47
CA VAL A 458 -10.50 -26.03 -23.18
C VAL A 458 -10.70 -26.27 -21.68
N SER A 459 -11.24 -27.44 -21.34
CA SER A 459 -11.54 -27.79 -19.96
C SER A 459 -10.32 -28.44 -19.29
N GLY A 460 -9.48 -29.05 -20.11
CA GLY A 460 -8.35 -29.83 -19.62
C GLY A 460 -8.46 -31.22 -20.23
N THR A 461 -7.57 -31.56 -21.15
CA THR A 461 -7.68 -32.80 -21.91
C THR A 461 -7.20 -33.99 -21.12
N VAL A 462 -5.93 -33.94 -20.72
CA VAL A 462 -5.35 -34.98 -19.88
C VAL A 462 -4.70 -34.48 -18.56
N ALA A 463 -5.36 -34.76 -17.44
CA ALA A 463 -4.92 -34.33 -16.12
C ALA A 463 -3.62 -35.01 -15.70
N GLY A 464 -2.53 -34.25 -15.76
CA GLY A 464 -1.26 -34.74 -15.26
C GLY A 464 -0.31 -35.10 -16.39
N THR A 465 0.83 -35.68 -16.02
CA THR A 465 1.89 -35.96 -16.97
C THR A 465 2.53 -37.32 -16.65
N ALA A 466 3.03 -38.01 -17.69
CA ALA A 466 3.52 -39.37 -17.52
C ALA A 466 4.98 -39.55 -17.92
N ARG A 467 5.63 -40.55 -17.32
CA ARG A 467 6.93 -41.02 -17.76
C ARG A 467 6.99 -42.54 -17.77
N GLY A 488 -4.33 -21.03 -31.71
CA GLY A 488 -3.85 -19.78 -31.13
C GLY A 488 -3.32 -19.95 -29.71
N PRO A 489 -3.95 -19.25 -28.73
CA PRO A 489 -3.65 -19.37 -27.30
C PRO A 489 -4.72 -20.14 -26.53
N VAL A 490 -4.31 -20.75 -25.42
CA VAL A 490 -5.20 -21.61 -24.64
C VAL A 490 -5.62 -20.98 -23.30
N LEU A 491 -6.88 -21.16 -22.94
CA LEU A 491 -7.44 -20.52 -21.75
C LEU A 491 -8.40 -21.49 -21.07
N THR A 492 -8.29 -21.66 -19.76
CA THR A 492 -9.23 -22.51 -19.04
C THR A 492 -9.80 -21.84 -17.78
N PHE A 493 -11.13 -21.80 -17.71
CA PHE A 493 -11.86 -21.09 -16.66
C PHE A 493 -11.94 -21.85 -15.34
N GLN A 494 -12.02 -21.08 -14.25
CA GLN A 494 -12.13 -21.66 -12.91
C GLN A 494 -13.49 -21.35 -12.31
N SER A 495 -14.20 -20.39 -12.90
CA SER A 495 -15.51 -20.00 -12.39
C SER A 495 -16.63 -20.62 -13.21
N GLU A 496 -17.74 -20.91 -12.55
CA GLU A 496 -18.90 -21.51 -13.20
C GLU A 496 -19.49 -20.59 -14.26
N LYS A 497 -19.75 -19.35 -13.88
CA LYS A 497 -20.32 -18.36 -14.80
C LYS A 497 -19.54 -18.27 -16.11
N MET A 498 -18.23 -18.08 -16.01
CA MET A 498 -17.42 -17.85 -17.21
C MET A 498 -17.38 -19.06 -18.13
N LYS A 499 -17.43 -20.26 -17.55
CA LYS A 499 -17.41 -21.49 -18.34
C LYS A 499 -18.83 -21.85 -18.79
N GLY A 500 -19.82 -21.44 -18.01
CA GLY A 500 -21.20 -21.63 -18.39
C GLY A 500 -21.51 -20.97 -19.71
N MET A 501 -20.75 -19.94 -20.06
CA MET A 501 -21.04 -19.17 -21.26
C MET A 501 -19.87 -18.97 -22.23
N LYS A 502 -18.87 -19.85 -22.14
CA LYS A 502 -17.73 -19.79 -23.05
C LYS A 502 -18.08 -19.84 -24.54
N GLU A 503 -19.37 -20.02 -24.82
CA GLU A 503 -19.82 -20.10 -26.20
C GLU A 503 -20.29 -18.75 -26.74
N LEU A 504 -21.00 -18.00 -25.90
CA LEU A 504 -21.50 -16.68 -26.26
C LEU A 504 -20.35 -15.68 -26.44
N LEU A 505 -19.25 -15.90 -25.73
CA LEU A 505 -18.13 -14.97 -25.76
C LEU A 505 -17.37 -15.08 -27.09
N VAL A 506 -17.23 -16.31 -27.56
CA VAL A 506 -16.42 -16.58 -28.74
C VAL A 506 -17.32 -16.64 -29.99
N ALA A 507 -18.54 -16.11 -29.89
CA ALA A 507 -19.46 -16.13 -31.04
C ALA A 507 -19.20 -14.97 -31.99
N THR A 508 -20.09 -14.77 -32.96
CA THR A 508 -19.90 -13.68 -33.93
C THR A 508 -20.79 -12.47 -33.74
N LYS A 509 -22.05 -12.71 -33.39
CA LYS A 509 -22.87 -11.65 -32.86
C LYS A 509 -22.72 -11.90 -31.35
N ILE A 510 -22.46 -10.83 -30.60
CA ILE A 510 -22.44 -10.94 -29.16
C ILE A 510 -23.86 -10.79 -28.64
N ASN A 511 -24.42 -11.88 -28.10
CA ASN A 511 -25.74 -11.80 -27.50
C ASN A 511 -25.72 -10.95 -26.22
N SER A 512 -25.78 -9.63 -26.39
CA SER A 512 -25.79 -8.70 -25.27
C SER A 512 -26.74 -9.15 -24.16
N SER A 513 -27.94 -9.58 -24.54
CA SER A 513 -28.98 -9.92 -23.58
C SER A 513 -28.69 -11.19 -22.76
N ALA A 514 -28.11 -12.20 -23.41
CA ALA A 514 -27.85 -13.48 -22.74
C ALA A 514 -26.62 -13.43 -21.83
N ILE A 515 -25.53 -12.85 -22.33
CA ILE A 515 -24.34 -12.63 -21.52
C ILE A 515 -24.66 -11.87 -20.23
N LYS A 516 -25.62 -10.95 -20.31
CA LYS A 516 -26.01 -10.16 -19.14
C LYS A 516 -26.77 -10.98 -18.10
N LEU A 517 -27.60 -11.91 -18.56
CA LEU A 517 -28.38 -12.76 -17.67
C LEU A 517 -27.48 -13.80 -17.01
N GLN A 518 -26.38 -14.12 -17.67
CA GLN A 518 -25.41 -15.10 -17.19
C GLN A 518 -24.58 -14.58 -16.02
N LEU A 519 -24.36 -13.27 -15.97
CA LEU A 519 -23.69 -12.65 -14.83
C LEU A 519 -24.70 -12.20 -13.77
N THR A 520 -25.37 -13.17 -13.16
CA THR A 520 -26.27 -12.96 -12.03
C THR A 520 -26.82 -14.31 -11.62
N ALA A 521 -27.03 -14.50 -10.32
CA ALA A 521 -27.45 -15.80 -9.82
C ALA A 521 -27.82 -15.79 -8.34
N ARG B 4 -5.36 7.74 -2.05
CA ARG B 4 -5.04 6.49 -1.37
C ARG B 4 -4.00 6.69 -0.27
N LEU B 5 -4.46 6.62 0.97
CA LEU B 5 -3.64 7.02 2.11
C LEU B 5 -2.81 5.92 2.76
N PHE B 6 -3.17 4.66 2.53
CA PHE B 6 -2.39 3.60 3.12
C PHE B 6 -1.00 3.71 2.54
N PRO B 7 0.02 3.77 3.42
CA PRO B 7 1.41 3.99 3.00
C PRO B 7 1.83 2.89 2.04
N GLY B 8 2.39 3.27 0.89
CA GLY B 8 2.90 2.29 -0.07
C GLY B 8 1.88 1.73 -1.04
N ALA B 9 0.60 2.01 -0.81
CA ALA B 9 -0.44 1.62 -1.74
C ALA B 9 -0.20 2.31 -3.10
N PRO B 10 -0.58 1.63 -4.19
CA PRO B 10 -0.33 2.20 -5.52
C PRO B 10 -1.41 3.21 -5.88
N PRO B 11 -1.12 4.07 -6.85
CA PRO B 11 -2.11 5.06 -7.30
C PRO B 11 -3.30 4.35 -7.90
N THR B 12 -4.48 4.92 -7.75
CA THR B 12 -5.65 4.42 -8.48
C THR B 12 -5.31 4.45 -9.97
N ALA B 13 -5.70 3.41 -10.71
CA ALA B 13 -5.35 3.27 -12.12
C ALA B 13 -6.03 4.33 -12.97
N LYS B 14 -7.24 4.70 -12.54
CA LYS B 14 -8.07 5.68 -13.24
C LYS B 14 -7.43 7.09 -13.21
N LYS B 15 -8.14 8.04 -13.81
CA LYS B 15 -7.74 9.45 -13.86
C LYS B 15 -6.81 9.88 -12.72
#